data_5WXQ
#
_entry.id   5WXQ
#
_cell.length_a   120.695
_cell.length_b   120.695
_cell.length_c   42.493
_cell.angle_alpha   90.00
_cell.angle_beta   90.00
_cell.angle_gamma   120.00
#
_symmetry.space_group_name_H-M   'H 3'
#
loop_
_entity.id
_entity.type
_entity.pdbx_description
1 polymer 'Urokinase-type plasminogen activator chain B'
2 polymer 'upain-2-4 peptide'
3 water water
#
loop_
_entity_poly.entity_id
_entity_poly.type
_entity_poly.pdbx_seq_one_letter_code
_entity_poly.pdbx_strand_id
1 'polypeptide(L)'
;IIGGEFTTIENQPWFAAIYRRHRGGSVTYVCGGSLISPCWVISATHCFIDYPKKEDYIVYLGRSRLNSNTQGEMKFEVEN
LILHKDYSADTLAHHNDIALLKIRSKEGRCAQPSRTIQTIALPSMYNDPQFGTSCEITGFGKEQSTDYLYPEQLKMTVVK
LISHRECQQPHYYGSEVTTKMLCAADPQWKTDSCQGDSGGPLVCSLQGRMTLTGIVSWGRGCALKDKPGVYTRVSHFLPW
IRSHTKEENGLAL
;
U
2 'polypeptide(L)' GACSWRGLENHAAC P
#
# COMPACT_ATOMS: atom_id res chain seq x y z
N ILE A 1 -1.39 4.47 -9.79
CA ILE A 1 -0.69 3.53 -10.70
C ILE A 1 -0.44 4.22 -12.04
N ILE A 2 0.84 4.33 -12.40
CA ILE A 2 1.25 4.89 -13.68
C ILE A 2 1.19 3.73 -14.68
N GLY A 3 0.54 3.94 -15.82
CA GLY A 3 0.39 2.88 -16.80
C GLY A 3 -0.50 1.77 -16.27
N GLY A 4 -0.17 0.54 -16.65
CA GLY A 4 -0.95 -0.62 -16.25
C GLY A 4 -2.34 -0.58 -16.84
N GLU A 5 -3.32 -1.04 -16.06
CA GLU A 5 -4.65 -1.24 -16.57
C GLU A 5 -5.67 -1.00 -15.47
N PHE A 6 -6.88 -0.60 -15.88
CA PHE A 6 -7.99 -0.51 -14.94
C PHE A 6 -8.43 -1.92 -14.58
N THR A 7 -8.98 -2.02 -13.39
CA THR A 7 -9.39 -3.30 -12.85
C THR A 7 -10.60 -3.07 -11.97
N THR A 8 -11.06 -4.15 -11.35
CA THR A 8 -12.13 -4.07 -10.38
C THR A 8 -11.71 -4.87 -9.17
N ILE A 9 -12.46 -4.72 -8.10
CA ILE A 9 -12.08 -5.31 -6.81
C ILE A 9 -12.06 -6.84 -6.82
N GLU A 10 -12.82 -7.47 -7.70
CA GLU A 10 -12.77 -8.94 -7.82
C GLU A 10 -11.37 -9.48 -8.15
N ASN A 11 -10.58 -8.70 -8.88
CA ASN A 11 -9.18 -9.06 -9.18
C ASN A 11 -8.16 -8.81 -8.07
N GLN A 12 -8.57 -8.06 -7.04
CA GLN A 12 -7.72 -7.77 -5.90
C GLN A 12 -8.62 -7.61 -4.67
N PRO A 13 -9.38 -8.67 -4.33
CA PRO A 13 -10.46 -8.59 -3.32
C PRO A 13 -9.99 -8.34 -1.88
N TRP A 14 -8.69 -8.38 -1.64
CA TRP A 14 -8.07 -8.01 -0.36
C TRP A 14 -7.77 -6.53 -0.26
N PHE A 15 -7.94 -5.80 -1.36
CA PHE A 15 -7.61 -4.39 -1.38
C PHE A 15 -8.54 -3.55 -0.49
N ALA A 16 -7.94 -2.74 0.39
CA ALA A 16 -8.67 -1.87 1.30
C ALA A 16 -8.43 -0.43 0.90
N ALA A 17 -9.52 0.34 0.84
CA ALA A 17 -9.50 1.77 0.52
C ALA A 17 -9.65 2.57 1.82
N ILE A 18 -8.63 3.36 2.16
CA ILE A 18 -8.59 4.07 3.44
C ILE A 18 -8.73 5.59 3.20
N TYR A 19 -9.71 6.16 3.89
CA TYR A 19 -10.05 7.55 3.79
C TYR A 19 -10.02 8.24 5.14
N ARG A 20 -9.94 9.54 5.13
CA ARG A 20 -9.93 10.32 6.35
C ARG A 20 -11.00 11.34 6.37
N ARG A 21 -11.70 11.43 7.49
CA ARG A 21 -12.72 12.47 7.70
C ARG A 21 -12.06 13.72 8.16
N HIS A 22 -12.57 14.84 7.69
CA HIS A 22 -12.13 16.13 8.13
C HIS A 22 -13.29 16.76 9.00
N ARG A 23 -12.95 17.45 10.05
CA ARG A 23 -12.48 18.76 10.07
C ARG A 23 -13.53 19.62 9.38
N GLY A 24 -14.80 19.37 9.70
CA GLY A 24 -15.87 19.91 8.93
C GLY A 24 -16.55 18.99 7.95
N GLY A 25 -16.18 17.73 7.97
CA GLY A 25 -16.96 16.69 7.33
C GLY A 25 -16.65 16.16 5.95
N SER A 26 -15.71 16.78 5.25
CA SER A 26 -15.26 16.22 4.00
C SER A 26 -14.47 14.97 4.30
N VAL A 27 -14.49 14.02 3.37
CA VAL A 27 -13.75 12.79 3.42
C VAL A 27 -12.87 12.69 2.20
N THR A 28 -11.58 12.44 2.42
CA THR A 28 -10.61 12.33 1.36
C THR A 28 -9.85 11.02 1.43
N TYR A 29 -9.41 10.56 0.26
CA TYR A 29 -8.66 9.32 0.20
C TYR A 29 -7.26 9.52 0.79
N VAL A 30 -6.79 8.53 1.54
CA VAL A 30 -5.48 8.57 2.17
C VAL A 30 -4.53 7.60 1.49
N CYS A 31 -4.85 6.32 1.56
CA CYS A 31 -3.92 5.27 1.17
C CYS A 31 -4.67 3.95 0.95
N GLY A 32 -3.98 3.02 0.32
CA GLY A 32 -4.43 1.64 0.21
C GLY A 32 -4.06 0.83 1.45
N GLY A 33 -4.56 -0.39 1.48
CA GLY A 33 -4.26 -1.38 2.51
C GLY A 33 -4.63 -2.74 1.99
N SER A 34 -4.32 -3.78 2.76
CA SER A 34 -4.64 -5.16 2.38
C SER A 34 -5.26 -5.88 3.58
N LEU A 35 -6.36 -6.58 3.32
CA LEU A 35 -7.04 -7.38 4.33
C LEU A 35 -6.28 -8.69 4.50
N ILE A 36 -5.70 -8.87 5.68
CA ILE A 36 -4.95 -10.08 6.02
C ILE A 36 -5.72 -11.04 6.94
N SER A 37 -6.77 -10.55 7.60
CA SER A 37 -7.74 -11.40 8.27
C SER A 37 -9.03 -10.58 8.38
N PRO A 38 -10.16 -11.22 8.74
CA PRO A 38 -11.42 -10.48 8.73
C PRO A 38 -11.41 -9.13 9.44
N CYS A 39 -10.72 -9.03 10.57
CA CYS A 39 -10.68 -7.79 11.37
C CYS A 39 -9.43 -6.93 11.18
N TRP A 40 -8.47 -7.34 10.35
CA TRP A 40 -7.19 -6.64 10.24
C TRP A 40 -6.81 -6.25 8.82
N VAL A 41 -6.56 -4.96 8.64
CA VAL A 41 -5.98 -4.42 7.41
C VAL A 41 -4.56 -3.97 7.68
N ILE A 42 -3.65 -4.29 6.76
CA ILE A 42 -2.26 -3.89 6.88
C ILE A 42 -1.95 -2.80 5.84
N SER A 43 -1.20 -1.79 6.26
CA SER A 43 -0.91 -0.62 5.42
C SER A 43 0.47 -0.05 5.82
N ALA A 44 0.72 1.23 5.51
CA ALA A 44 2.00 1.89 5.80
C ALA A 44 1.83 2.93 6.91
N THR A 45 2.76 2.95 7.88
CA THR A 45 2.72 3.97 8.96
C THR A 45 2.70 5.40 8.43
N HIS A 46 3.44 5.68 7.35
CA HIS A 46 3.56 7.06 6.84
C HIS A 46 2.21 7.66 6.43
N CYS A 47 1.25 6.81 6.08
CA CYS A 47 -0.10 7.22 5.74
C CYS A 47 -0.87 7.86 6.89
N PHE A 48 -0.46 7.55 8.12
CA PHE A 48 -1.19 7.94 9.32
C PHE A 48 -0.37 8.77 10.32
N ILE A 49 0.93 8.75 10.19
CA ILE A 49 1.82 9.38 11.17
C ILE A 49 1.50 10.79 11.60
N ASP A 50 1.11 11.59 10.64
CA ASP A 50 0.79 12.98 10.92
C ASP A 50 -0.57 13.15 11.58
N TYR A 51 -1.46 12.21 11.39
CA TYR A 51 -2.78 12.28 11.96
C TYR A 51 -3.11 10.93 12.52
N PRO A 52 -2.44 10.61 13.69
CA PRO A 52 -2.65 9.26 14.20
C PRO A 52 -3.93 8.92 14.92
N LYS A 53 -4.97 9.70 14.88
CA LYS A 53 -6.16 9.40 15.62
C LYS A 53 -7.12 8.48 14.83
N LYS A 54 -7.33 7.28 15.33
CA LYS A 54 -8.14 6.25 14.70
C LYS A 54 -9.50 6.70 14.27
N GLU A 55 -10.10 7.63 15.09
CA GLU A 55 -11.43 8.13 14.80
C GLU A 55 -11.52 8.88 13.49
N ASP A 56 -10.41 9.38 13.00
CA ASP A 56 -10.39 10.13 11.77
C ASP A 56 -10.56 9.29 10.49
N TYR A 57 -10.41 7.99 10.59
CA TYR A 57 -10.40 7.13 9.42
C TYR A 57 -11.59 6.23 9.13
N ILE A 58 -11.79 5.98 7.84
CA ILE A 58 -12.84 5.10 7.36
C ILE A 58 -12.16 4.12 6.41
N VAL A 59 -12.52 2.86 6.49
CA VAL A 59 -11.97 1.86 5.63
C VAL A 59 -13.09 1.15 4.88
N TYR A 60 -12.89 0.94 3.59
CA TYR A 60 -13.84 0.22 2.78
C TYR A 60 -13.18 -1.00 2.21
N LEU A 61 -13.97 -2.06 2.11
CA LEU A 61 -13.59 -3.30 1.46
C LEU A 61 -14.61 -3.53 0.34
N GLY A 62 -14.24 -4.28 -0.66
CA GLY A 62 -15.13 -4.52 -1.80
C GLY A 62 -15.41 -3.29 -2.66
N ARG A 63 -14.51 -2.31 -2.63
CA ARG A 63 -14.71 -1.05 -3.32
C ARG A 63 -13.84 -0.97 -4.57
N SER A 64 -14.47 -0.74 -5.73
CA SER A 64 -13.79 -0.63 -7.03
C SER A 64 -13.64 0.82 -7.52
N ARG A 65 -14.33 1.76 -6.89
CA ARG A 65 -14.28 3.14 -7.30
C ARG A 65 -14.00 4.08 -6.15
N LEU A 66 -13.32 5.15 -6.43
CA LEU A 66 -12.93 6.08 -5.39
C LEU A 66 -13.98 6.91 -4.66
N ASN A 67 -14.83 7.52 -5.46
CA ASN A 67 -15.87 8.36 -4.96
C ASN A 67 -17.26 7.94 -5.19
N SER A 68 -17.48 6.69 -5.50
CA SER A 68 -18.82 6.20 -5.65
C SER A 68 -18.89 4.84 -5.06
N ASN A 69 -20.05 4.45 -4.57
CA ASN A 69 -20.19 3.17 -3.94
C ASN A 69 -20.14 2.04 -4.95
N THR A 70 -19.73 0.90 -4.48
CA THR A 70 -19.65 -0.28 -5.29
C THR A 70 -20.57 -1.29 -4.65
N GLN A 71 -21.34 -2.00 -5.46
CA GLN A 71 -22.27 -2.96 -4.91
C GLN A 71 -21.49 -4.05 -4.16
N GLY A 72 -21.95 -4.38 -2.97
CA GLY A 72 -21.31 -5.39 -2.13
C GLY A 72 -20.27 -4.86 -1.15
N GLU A 73 -19.94 -3.57 -1.22
CA GLU A 73 -18.88 -3.01 -0.38
C GLU A 73 -19.27 -2.97 1.09
N MET A 74 -18.27 -2.92 1.97
CA MET A 74 -18.46 -2.80 3.39
C MET A 74 -17.62 -1.62 3.89
N LYS A 75 -18.16 -0.86 4.80
CA LYS A 75 -17.54 0.31 5.40
C LYS A 75 -17.25 0.05 6.88
N PHE A 76 -16.07 0.42 7.30
CA PHE A 76 -15.61 0.20 8.64
C PHE A 76 -14.99 1.39 9.33
N GLU A 77 -15.12 1.40 10.62
CA GLU A 77 -14.46 2.35 11.49
C GLU A 77 -13.18 1.66 11.87
N VAL A 78 -12.23 2.40 12.40
CA VAL A 78 -10.97 1.85 12.84
C VAL A 78 -10.99 1.68 14.37
N GLU A 79 -11.08 0.43 14.80
CA GLU A 79 -11.07 0.11 16.21
C GLU A 79 -9.71 0.40 16.86
N ASN A 80 -8.64 0.11 16.15
CA ASN A 80 -7.31 0.35 16.61
C ASN A 80 -6.40 0.72 15.45
N LEU A 81 -5.47 1.63 15.62
CA LEU A 81 -4.54 2.02 14.59
C LEU A 81 -3.18 1.84 15.23
N ILE A 82 -2.45 0.87 14.74
CA ILE A 82 -1.16 0.45 15.28
C ILE A 82 -0.06 0.83 14.30
N LEU A 83 0.76 1.80 14.68
CA LEU A 83 1.90 2.24 13.90
C LEU A 83 3.15 1.57 14.43
N HIS A 84 4.17 1.46 13.61
CA HIS A 84 5.37 0.80 14.02
C HIS A 84 6.20 1.72 14.84
N LYS A 85 6.53 1.27 16.03
CA LYS A 85 7.25 2.07 16.99
C LYS A 85 8.61 2.54 16.50
N ASP A 86 9.21 1.79 15.61
CA ASP A 86 10.49 2.13 15.07
C ASP A 86 10.48 2.89 13.76
N TYR A 87 9.35 3.46 13.44
CA TYR A 87 9.22 4.19 12.21
C TYR A 87 10.16 5.36 12.19
N SER A 88 10.71 5.64 11.03
CA SER A 88 11.53 6.79 10.84
C SER A 88 11.54 7.21 9.40
N ALA A 89 11.69 8.49 9.16
CA ALA A 89 11.79 8.97 7.81
C ALA A 89 12.83 10.05 7.60
N ASP A 90 13.41 10.06 6.40
CA ASP A 90 14.30 11.14 6.01
C ASP A 90 13.66 11.80 4.83
N THR A 91 14.44 12.48 4.02
CA THR A 91 13.92 13.18 2.87
C THR A 91 13.19 12.18 2.01
N LEU A 92 13.74 10.97 1.96
CA LEU A 92 13.17 9.93 1.18
C LEU A 92 12.69 8.66 1.90
N ALA A 93 13.60 7.85 2.38
CA ALA A 93 13.24 6.58 2.95
C ALA A 93 12.46 6.60 4.22
N HIS A 94 11.47 5.73 4.28
CA HIS A 94 10.68 5.53 5.44
C HIS A 94 11.08 4.14 5.94
N HIS A 95 11.53 4.06 7.17
CA HIS A 95 11.93 2.81 7.74
C HIS A 95 10.80 2.25 8.57
N ASN A 96 10.67 0.94 8.53
CA ASN A 96 9.61 0.26 9.28
C ASN A 96 8.24 0.84 8.94
N ASP A 97 7.99 0.95 7.64
CA ASP A 97 6.81 1.64 7.15
C ASP A 97 5.67 0.66 7.02
N ILE A 98 5.11 0.33 8.18
CA ILE A 98 4.12 -0.73 8.30
C ILE A 98 3.13 -0.38 9.42
N ALA A 99 1.85 -0.65 9.18
CA ALA A 99 0.80 -0.26 10.09
C ALA A 99 -0.32 -1.26 10.03
N LEU A 100 -1.02 -1.42 11.13
CA LEU A 100 -2.15 -2.29 11.18
C LEU A 100 -3.37 -1.53 11.60
N LEU A 101 -4.48 -1.74 10.94
CA LEU A 101 -5.76 -1.17 11.29
C LEU A 101 -6.69 -2.30 11.64
N LYS A 102 -7.18 -2.32 12.90
CA LYS A 102 -8.25 -3.22 13.28
C LYS A 102 -9.58 -2.58 12.91
N ILE A 103 -10.34 -3.26 12.06
CA ILE A 103 -11.55 -2.70 11.48
C ILE A 103 -12.78 -3.24 12.20
N ARG A 104 -13.78 -2.39 12.35
CA ARG A 104 -15.05 -2.74 12.95
C ARG A 104 -16.15 -1.82 12.43
N SER A 105 -17.24 -2.42 11.99
CA SER A 105 -18.38 -1.69 11.45
C SER A 105 -19.17 -1.02 12.57
N LYS A 106 -20.13 -0.20 12.24
CA LYS A 106 -20.95 0.49 13.21
C LYS A 106 -21.74 -0.49 14.01
N GLU A 107 -22.02 -1.62 13.39
CA GLU A 107 -22.78 -2.66 13.97
C GLU A 107 -21.86 -3.67 14.67
N GLY A 108 -20.59 -3.35 14.74
CA GLY A 108 -19.62 -4.18 15.43
C GLY A 108 -19.08 -5.43 14.80
N ARG A 109 -19.07 -5.46 13.49
CA ARG A 109 -18.61 -6.60 12.77
C ARG A 109 -17.34 -6.34 11.96
N CYS A 110 -16.63 -7.39 11.67
CA CYS A 110 -15.44 -7.40 10.88
C CYS A 110 -15.88 -7.69 9.45
N ALA A 111 -14.95 -7.99 8.58
CA ALA A 111 -15.27 -8.26 7.22
C ALA A 111 -15.94 -9.61 7.01
N GLN A 112 -16.87 -9.66 6.08
CA GLN A 112 -17.53 -10.90 5.68
C GLN A 112 -17.00 -11.22 4.26
N PRO A 113 -16.24 -12.35 4.17
CA PRO A 113 -15.73 -12.66 2.84
C PRO A 113 -16.83 -12.88 1.80
N SER A 114 -16.52 -12.50 0.57
CA SER A 114 -17.44 -12.58 -0.55
C SER A 114 -16.64 -12.65 -1.84
N ARG A 115 -17.32 -12.54 -2.97
CA ARG A 115 -16.61 -12.48 -4.25
C ARG A 115 -15.77 -11.20 -4.42
N THR A 116 -16.15 -10.12 -3.70
CA THR A 116 -15.42 -8.84 -3.73
C THR A 116 -14.54 -8.57 -2.49
N ILE A 117 -14.61 -9.42 -1.48
CA ILE A 117 -13.89 -9.22 -0.21
C ILE A 117 -13.26 -10.55 0.21
N GLN A 118 -11.93 -10.62 0.18
CA GLN A 118 -11.17 -11.83 0.54
C GLN A 118 -9.89 -11.40 1.23
N THR A 119 -9.33 -12.28 2.05
CA THR A 119 -8.03 -12.03 2.67
C THR A 119 -6.90 -12.41 1.73
N ILE A 120 -5.71 -11.85 1.97
CA ILE A 120 -4.48 -12.20 1.23
C ILE A 120 -3.50 -12.88 2.18
N ALA A 121 -2.88 -13.95 1.71
CA ALA A 121 -1.89 -14.69 2.49
C ALA A 121 -0.60 -13.89 2.74
N LEU A 122 -0.05 -14.07 3.91
CA LEU A 122 1.19 -13.48 4.27
C LEU A 122 2.26 -14.43 3.85
N PRO A 123 3.48 -13.87 3.55
CA PRO A 123 4.53 -14.82 3.15
C PRO A 123 5.13 -15.54 4.36
N SER A 124 5.86 -16.61 4.11
CA SER A 124 6.57 -17.33 5.15
C SER A 124 7.86 -16.50 5.41
N MET A 125 8.41 -16.62 6.60
CA MET A 125 9.47 -15.76 6.96
C MET A 125 10.70 -15.77 6.10
N TYR A 126 11.15 -14.57 5.77
CA TYR A 126 12.34 -14.37 4.98
C TYR A 126 12.26 -15.11 3.63
N ASN A 127 11.06 -15.25 3.11
CA ASN A 127 10.88 -15.96 1.87
C ASN A 127 10.30 -15.05 0.84
N ASP A 128 11.14 -14.58 -0.07
CA ASP A 128 10.69 -13.72 -1.16
C ASP A 128 10.94 -14.38 -2.50
N PRO A 129 10.29 -13.91 -3.54
CA PRO A 129 10.54 -14.40 -4.87
C PRO A 129 11.90 -13.91 -5.31
N GLN A 130 12.48 -14.56 -6.30
CA GLN A 130 13.76 -14.18 -6.86
C GLN A 130 13.65 -12.87 -7.63
N PHE A 131 14.77 -12.20 -7.83
CA PHE A 131 14.75 -10.96 -8.58
C PHE A 131 14.28 -11.24 -10.00
N GLY A 132 13.71 -10.25 -10.65
CA GLY A 132 13.09 -10.43 -11.95
C GLY A 132 11.70 -11.06 -11.93
N THR A 133 11.23 -11.51 -10.76
CA THR A 133 9.88 -12.06 -10.63
C THR A 133 8.89 -10.92 -10.85
N SER A 134 7.87 -11.18 -11.67
CA SER A 134 6.80 -10.22 -11.93
C SER A 134 5.79 -10.28 -10.79
N CYS A 135 5.46 -9.13 -10.23
CA CYS A 135 4.46 -9.00 -9.17
C CYS A 135 3.44 -7.92 -9.54
N GLU A 136 2.29 -7.92 -8.91
CA GLU A 136 1.25 -6.96 -9.20
C GLU A 136 1.15 -5.91 -8.10
N ILE A 137 0.77 -4.71 -8.47
CA ILE A 137 0.53 -3.62 -7.53
C ILE A 137 -0.84 -3.07 -7.90
N THR A 138 -1.59 -2.63 -6.91
CA THR A 138 -2.96 -2.19 -7.07
C THR A 138 -3.20 -0.92 -6.25
N GLY A 139 -4.03 -0.02 -6.77
CA GLY A 139 -4.39 1.19 -6.02
C GLY A 139 -5.16 2.23 -6.78
N PHE A 140 -5.55 3.27 -6.05
CA PHE A 140 -6.24 4.44 -6.58
C PHE A 140 -5.29 5.63 -6.73
N GLY A 141 -4.02 5.37 -6.81
CA GLY A 141 -2.99 6.38 -6.89
C GLY A 141 -2.95 7.12 -8.21
N LYS A 142 -2.17 8.19 -8.29
CA LYS A 142 -2.13 8.98 -9.50
C LYS A 142 -1.72 8.20 -10.72
N GLU A 143 -2.32 8.57 -11.85
CA GLU A 143 -2.02 7.99 -13.16
C GLU A 143 -0.81 8.66 -13.84
N GLN A 144 -0.48 9.85 -13.40
CA GLN A 144 0.72 10.55 -13.83
C GLN A 144 1.23 11.37 -12.65
N SER A 145 2.55 11.49 -12.53
CA SER A 145 3.16 12.22 -11.41
C SER A 145 2.63 13.65 -11.29
N THR A 146 2.37 14.27 -12.43
CA THR A 146 1.87 15.65 -12.51
C THR A 146 0.36 15.81 -12.24
N ASP A 147 -0.40 14.71 -12.20
CA ASP A 147 -1.82 14.81 -12.00
C ASP A 147 -2.24 15.40 -10.70
N TYR A 148 -3.33 16.15 -10.75
CA TYR A 148 -3.88 16.71 -9.55
C TYR A 148 -4.87 15.76 -8.91
N LEU A 149 -5.60 15.05 -9.72
CA LEU A 149 -6.59 14.10 -9.25
C LEU A 149 -6.15 12.66 -9.25
N TYR A 150 -6.86 11.87 -8.46
CA TYR A 150 -6.72 10.43 -8.46
C TYR A 150 -7.74 9.87 -9.45
N PRO A 151 -7.47 8.72 -10.03
CA PRO A 151 -8.41 8.07 -10.92
C PRO A 151 -9.60 7.62 -10.13
N GLU A 152 -10.77 7.65 -10.72
CA GLU A 152 -11.98 7.21 -10.07
C GLU A 152 -12.10 5.65 -9.97
N GLN A 153 -11.50 4.98 -10.91
CA GLN A 153 -11.54 3.54 -11.03
C GLN A 153 -10.22 2.87 -10.61
N LEU A 154 -10.34 1.78 -9.87
CA LEU A 154 -9.17 1.05 -9.38
C LEU A 154 -8.28 0.61 -10.54
N LYS A 155 -6.97 0.66 -10.31
CA LYS A 155 -5.99 0.21 -11.30
C LYS A 155 -5.03 -0.83 -10.73
N MET A 156 -4.41 -1.56 -11.64
CA MET A 156 -3.31 -2.43 -11.28
C MET A 156 -2.28 -2.48 -12.40
N THR A 157 -1.06 -2.87 -12.03
CA THR A 157 -0.01 -3.09 -13.00
C THR A 157 0.95 -4.16 -12.51
N VAL A 158 1.96 -4.44 -13.33
CA VAL A 158 2.97 -5.44 -13.06
C VAL A 158 4.30 -4.74 -12.97
N VAL A 159 5.08 -5.09 -11.94
CA VAL A 159 6.45 -4.63 -11.80
C VAL A 159 7.31 -5.84 -11.45
N LYS A 160 8.60 -5.75 -11.78
CA LYS A 160 9.54 -6.83 -11.50
C LYS A 160 10.43 -6.49 -10.29
N LEU A 161 10.61 -7.49 -9.43
CA LEU A 161 11.45 -7.37 -8.25
C LEU A 161 12.90 -7.12 -8.65
N ILE A 162 13.55 -6.19 -7.95
CA ILE A 162 14.94 -5.82 -8.18
C ILE A 162 15.74 -6.28 -6.96
N SER A 163 16.97 -6.71 -7.13
CA SER A 163 17.75 -7.15 -6.00
C SER A 163 18.21 -6.04 -5.10
N HIS A 164 18.48 -6.34 -3.84
CA HIS A 164 18.97 -5.37 -2.91
C HIS A 164 20.26 -4.80 -3.45
N ARG A 165 21.06 -5.66 -4.02
CA ARG A 165 22.33 -5.26 -4.56
C ARG A 165 22.20 -4.26 -5.71
N GLU A 166 21.33 -4.51 -6.66
CA GLU A 166 21.05 -3.55 -7.74
C GLU A 166 20.42 -2.26 -7.20
N CYS A 167 19.50 -2.37 -6.26
CA CYS A 167 18.81 -1.18 -5.76
C CYS A 167 19.67 -0.28 -4.88
N GLN A 168 20.69 -0.84 -4.23
CA GLN A 168 21.57 -0.08 -3.37
C GLN A 168 22.67 0.61 -4.17
N GLN A 169 22.66 0.44 -5.48
CA GLN A 169 23.65 1.10 -6.33
C GLN A 169 23.43 2.56 -6.18
N PRO A 170 24.56 3.34 -6.30
CA PRO A 170 24.35 4.76 -6.11
C PRO A 170 23.38 5.39 -7.09
N HIS A 171 23.39 5.00 -8.34
CA HIS A 171 22.47 5.58 -9.27
C HIS A 171 21.02 5.26 -8.94
N TYR A 172 20.77 4.21 -8.19
CA TYR A 172 19.44 3.90 -7.78
C TYR A 172 19.16 4.63 -6.46
N TYR A 173 19.18 3.96 -5.32
CA TYR A 173 18.89 4.60 -4.04
C TYR A 173 20.03 4.56 -3.01
N GLY A 174 21.14 3.95 -3.34
CA GLY A 174 22.23 3.88 -2.42
C GLY A 174 21.84 3.26 -1.10
N SER A 175 22.27 3.88 -0.02
CA SER A 175 22.02 3.40 1.33
C SER A 175 20.61 3.57 1.86
N GLU A 176 19.80 4.31 1.13
CA GLU A 176 18.44 4.57 1.52
C GLU A 176 17.66 3.28 1.62
N VAL A 177 17.92 2.35 0.72
CA VAL A 177 17.27 1.04 0.71
C VAL A 177 17.94 0.07 1.69
N THR A 178 17.15 -0.45 2.63
CA THR A 178 17.61 -1.41 3.62
C THR A 178 17.16 -2.82 3.25
N THR A 179 17.65 -3.81 3.99
CA THR A 179 17.24 -5.20 3.80
C THR A 179 15.78 -5.47 4.19
N LYS A 180 15.14 -4.54 4.91
CA LYS A 180 13.71 -4.64 5.24
C LYS A 180 12.82 -3.94 4.19
N MET A 181 13.42 -3.54 3.07
CA MET A 181 12.70 -2.99 1.94
C MET A 181 12.93 -3.86 0.71
N LEU A 182 12.00 -3.76 -0.25
CA LEU A 182 12.11 -4.42 -1.55
C LEU A 182 11.88 -3.39 -2.63
N CYS A 183 12.75 -3.39 -3.63
CA CYS A 183 12.59 -2.54 -4.81
C CYS A 183 11.91 -3.30 -5.92
N ALA A 184 11.11 -2.60 -6.71
CA ALA A 184 10.45 -3.19 -7.86
C ALA A 184 10.19 -2.12 -8.88
N ALA A 185 10.30 -2.48 -10.15
CA ALA A 185 10.15 -1.52 -11.24
C ALA A 185 9.90 -2.22 -12.57
N ASP A 186 9.52 -1.42 -13.54
CA ASP A 186 9.35 -1.88 -14.92
C ASP A 186 10.70 -1.76 -15.63
N PRO A 187 11.06 -2.75 -16.49
CA PRO A 187 12.32 -2.67 -17.24
C PRO A 187 12.51 -1.41 -18.08
N GLN A 188 11.41 -0.85 -18.59
CA GLN A 188 11.41 0.43 -19.31
C GLN A 188 11.03 1.62 -18.43
N TRP A 189 10.80 1.39 -17.13
CA TRP A 189 10.34 2.41 -16.18
C TRP A 189 9.00 3.06 -16.56
N LYS A 190 8.19 2.37 -17.35
CA LYS A 190 6.99 2.97 -17.95
C LYS A 190 5.72 2.77 -17.11
N THR A 191 5.79 1.93 -16.08
CA THR A 191 4.65 1.68 -15.19
C THR A 191 5.17 1.52 -13.77
N ASP A 192 4.38 1.93 -12.79
CA ASP A 192 4.84 2.05 -11.40
C ASP A 192 3.66 2.40 -10.50
N SER A 193 3.86 2.25 -9.19
CA SER A 193 2.97 2.87 -8.21
C SER A 193 3.32 4.35 -8.11
N CYS A 194 2.41 5.12 -7.55
CA CYS A 194 2.60 6.54 -7.40
C CYS A 194 1.85 7.04 -6.15
N GLN A 195 1.88 8.35 -5.94
CA GLN A 195 1.24 8.92 -4.77
C GLN A 195 -0.22 8.48 -4.70
N GLY A 196 -0.64 8.08 -3.52
CA GLY A 196 -1.97 7.57 -3.31
C GLY A 196 -2.02 6.05 -3.37
N ASP A 197 -1.02 5.42 -3.94
CA ASP A 197 -0.91 3.95 -3.91
C ASP A 197 -0.24 3.42 -2.63
N SER A 198 0.39 4.29 -1.85
CA SER A 198 1.04 3.89 -0.59
C SER A 198 0.11 3.08 0.29
N GLY A 199 0.70 2.15 1.03
CA GLY A 199 -0.08 1.26 1.88
C GLY A 199 -0.68 0.07 1.16
N GLY A 200 -0.77 0.13 -0.18
CA GLY A 200 -1.36 -0.94 -0.97
C GLY A 200 -0.46 -2.14 -1.18
N PRO A 201 -1.01 -3.21 -1.78
CA PRO A 201 -0.31 -4.50 -1.90
C PRO A 201 0.63 -4.61 -3.08
N LEU A 202 1.78 -5.24 -2.84
CA LEU A 202 2.61 -5.80 -3.88
C LEU A 202 2.41 -7.30 -3.70
N VAL A 203 1.79 -7.93 -4.70
CA VAL A 203 1.38 -9.33 -4.61
C VAL A 203 2.19 -10.18 -5.59
N CYS A 204 2.74 -11.24 -5.07
CA CYS A 204 3.53 -12.17 -5.82
C CYS A 204 3.05 -13.58 -5.59
N SER A 205 3.29 -14.43 -6.57
CA SER A 205 2.87 -15.79 -6.45
C SER A 205 4.05 -16.50 -5.84
N LEU A 206 3.81 -17.12 -4.72
CA LEU A 206 4.90 -17.81 -4.05
C LEU A 206 4.43 -19.16 -3.59
N GLN A 207 5.13 -20.17 -4.01
CA GLN A 207 4.73 -21.53 -3.67
C GLN A 207 3.28 -21.73 -4.05
N GLY A 208 2.94 -21.21 -5.20
CA GLY A 208 1.62 -21.33 -5.75
C GLY A 208 0.47 -20.60 -5.15
N ARG A 209 0.75 -19.57 -4.38
CA ARG A 209 -0.33 -18.84 -3.78
C ARG A 209 -0.07 -17.36 -3.89
N MET A 210 -1.11 -16.56 -4.09
CA MET A 210 -0.93 -15.13 -4.16
C MET A 210 -0.55 -14.74 -2.72
N THR A 211 0.53 -13.97 -2.59
CA THR A 211 1.13 -13.64 -1.31
C THR A 211 1.40 -12.15 -1.21
N LEU A 212 1.15 -11.56 -0.04
CA LEU A 212 1.47 -10.16 0.21
C LEU A 212 2.98 -10.00 0.47
N THR A 213 3.73 -9.78 -0.61
CA THR A 213 5.18 -9.69 -0.53
C THR A 213 5.64 -8.29 -0.08
N GLY A 214 4.93 -7.25 -0.50
CA GLY A 214 5.32 -5.87 -0.20
C GLY A 214 4.15 -4.97 0.08
N ILE A 215 4.43 -3.83 0.72
CA ILE A 215 3.49 -2.75 0.93
C ILE A 215 4.11 -1.50 0.33
N VAL A 216 3.34 -0.78 -0.51
CA VAL A 216 3.86 0.39 -1.21
C VAL A 216 4.29 1.41 -0.15
N SER A 217 5.56 1.82 -0.19
CA SER A 217 6.14 2.66 0.87
C SER A 217 6.66 4.00 0.34
N TRP A 218 7.63 3.96 -0.54
CA TRP A 218 8.23 5.17 -1.03
C TRP A 218 8.92 5.08 -2.36
N GLY A 219 9.43 6.21 -2.81
CA GLY A 219 10.16 6.33 -4.05
C GLY A 219 10.35 7.75 -4.52
N ARG A 220 11.31 7.97 -5.39
CA ARG A 220 11.52 9.31 -5.93
C ARG A 220 10.82 9.39 -7.29
N GLY A 221 9.84 10.30 -7.33
CA GLY A 221 8.85 10.50 -8.36
C GLY A 221 8.15 9.17 -8.64
N CYS A 222 7.70 8.98 -9.86
CA CYS A 222 7.05 7.76 -10.21
C CYS A 222 7.42 7.38 -11.64
N ALA A 223 7.62 6.11 -11.91
CA ALA A 223 7.93 5.64 -13.25
C ALA A 223 9.05 6.50 -13.81
N LEU A 224 10.12 6.61 -13.02
CA LEU A 224 11.25 7.46 -13.29
C LEU A 224 12.49 6.59 -13.40
N LYS A 225 13.29 6.84 -14.43
CA LYS A 225 14.47 6.03 -14.72
C LYS A 225 15.42 5.97 -13.51
N ASP A 226 15.92 4.76 -13.24
CA ASP A 226 16.76 4.44 -12.08
C ASP A 226 16.16 4.71 -10.70
N LYS A 227 14.84 4.86 -10.61
CA LYS A 227 14.17 5.14 -9.33
C LYS A 227 13.01 4.17 -9.18
N PRO A 228 13.29 2.95 -8.68
CA PRO A 228 12.23 1.96 -8.44
C PRO A 228 11.18 2.41 -7.42
N GLY A 229 10.05 1.70 -7.40
CA GLY A 229 9.15 1.75 -6.27
C GLY A 229 9.82 0.99 -5.14
N VAL A 230 9.65 1.47 -3.91
CA VAL A 230 10.21 0.81 -2.74
C VAL A 230 9.07 0.37 -1.84
N TYR A 231 9.17 -0.88 -1.37
CA TYR A 231 8.09 -1.58 -0.70
C TYR A 231 8.60 -2.11 0.62
N THR A 232 7.75 -2.08 1.63
CA THR A 232 8.08 -2.66 2.94
C THR A 232 8.08 -4.17 2.74
N ARG A 233 9.13 -4.82 3.20
CA ARG A 233 9.38 -6.23 2.93
C ARG A 233 8.66 -7.07 3.98
N VAL A 234 7.44 -7.46 3.66
CA VAL A 234 6.51 -8.06 4.63
C VAL A 234 7.09 -9.30 5.33
N SER A 235 7.88 -10.09 4.60
CA SER A 235 8.52 -11.31 5.14
C SER A 235 9.52 -11.08 6.28
N HIS A 236 9.96 -9.82 6.47
CA HIS A 236 10.84 -9.42 7.57
C HIS A 236 10.09 -8.82 8.78
N PHE A 237 8.76 -8.78 8.73
CA PHE A 237 7.94 -8.18 9.81
C PHE A 237 6.92 -9.16 10.40
N LEU A 238 7.09 -10.46 10.17
CA LEU A 238 6.07 -11.43 10.61
C LEU A 238 5.89 -11.49 12.14
N PRO A 239 7.00 -11.42 12.91
CA PRO A 239 6.83 -11.35 14.37
C PRO A 239 6.02 -10.11 14.82
N TRP A 240 6.35 -8.95 14.25
CA TRP A 240 5.62 -7.72 14.54
C TRP A 240 4.14 -7.85 14.17
N ILE A 241 3.87 -8.41 13.00
CA ILE A 241 2.50 -8.59 12.58
C ILE A 241 1.75 -9.55 13.48
N ARG A 242 2.36 -10.65 13.79
CA ARG A 242 1.71 -11.64 14.62
C ARG A 242 1.42 -11.15 16.00
N SER A 243 2.36 -10.45 16.57
CA SER A 243 2.15 -9.92 17.90
C SER A 243 1.08 -8.90 17.96
N HIS A 244 1.12 -7.96 17.06
CA HIS A 244 0.13 -6.88 17.09
C HIS A 244 -1.28 -7.25 16.61
N THR A 245 -1.43 -8.38 15.91
CA THR A 245 -2.76 -8.87 15.51
C THR A 245 -3.32 -9.83 16.55
N GLY B 1 7.73 17.87 -6.80
CA GLY B 1 8.21 18.02 -5.38
C GLY B 1 7.97 16.78 -4.55
N ALA B 2 8.52 16.77 -3.34
CA ALA B 2 8.40 15.61 -2.42
C ALA B 2 6.95 15.29 -2.04
N CYS B 3 6.12 16.33 -1.89
CA CYS B 3 4.70 16.17 -1.57
C CYS B 3 3.86 15.46 -2.64
N SER B 4 4.40 15.33 -3.85
CA SER B 4 3.78 14.55 -4.92
C SER B 4 4.26 13.08 -4.96
N TRP B 5 5.02 12.63 -3.96
CA TRP B 5 5.61 11.29 -3.98
C TRP B 5 4.96 10.34 -2.98
N ARG B 6 5.13 9.05 -3.27
CA ARG B 6 4.87 8.01 -2.29
C ARG B 6 5.75 8.28 -1.08
N GLY B 7 5.14 8.28 0.10
CA GLY B 7 5.82 8.60 1.35
C GLY B 7 5.23 9.81 2.08
N LEU B 8 4.61 10.73 1.34
CA LEU B 8 4.08 11.97 1.92
C LEU B 8 2.55 12.13 1.81
N GLU B 9 1.83 11.04 1.60
CA GLU B 9 0.36 11.09 1.61
C GLU B 9 -0.12 11.51 3.00
N ASN B 10 -1.15 12.36 3.06
CA ASN B 10 -1.78 12.73 4.32
C ASN B 10 -0.79 13.39 5.30
N HIS B 11 0.04 14.28 4.77
CA HIS B 11 1.04 14.99 5.57
C HIS B 11 0.65 16.46 5.70
N ALA B 12 0.78 16.99 6.91
CA ALA B 12 0.37 18.36 7.25
C ALA B 12 1.09 19.40 6.39
N ALA B 13 2.39 19.20 6.17
CA ALA B 13 3.21 20.11 5.36
C ALA B 13 2.94 20.08 3.85
N CYS B 14 2.05 19.19 3.39
CA CYS B 14 1.69 19.06 1.99
C CYS B 14 0.24 19.48 1.74
#